data_7I2U
#
_entry.id   7I2U
#
_cell.length_a   82.625
_cell.length_b   115.814
_cell.length_c   145.894
_cell.angle_alpha   90.00
_cell.angle_beta   90.00
_cell.angle_gamma   90.00
#
_symmetry.space_group_name_H-M   'I 2 2 2'
#
loop_
_entity.id
_entity.type
_entity.pdbx_description
1 polymer 'NS5 RNA-dependent RNA polymerase'
2 non-polymer 'ZINC ION'
3 non-polymer '2-(N-MORPHOLINO)-ETHANESULFONIC ACID'
4 non-polymer 'DIMETHYL SULFOXIDE'
5 non-polymer 'PHOSPHATE ION'
6 non-polymer DI(HYDROXYETHYL)ETHER
7 non-polymer 'CHLORIDE ION'
8 non-polymer (1-benzofuran-2-yl)(4-methylpiperidin-1-yl)methanone
9 water water
#
_entity_poly.entity_id   1
_entity_poly.type   'polypeptide(L)'
_entity_poly.pdbx_seq_one_letter_code
;GPGIESETPNLDIIGKRIEKIKQEHETSWHYDQDHPYKTWAYHGSYETKQTGSASSMVNGVVRLLTKPWDIIPMVTQMAM
TDTTPFGQQRVFKEKVDTRTQEPKEGTKKLMKITAEWLWKELGKKKTPRMCTREEFTRKVRSNAALGAIFTDENKWKSAR
EAVEDSGFWELVDKERNLHLEGKCETCVYNMMGKREKKLGEFGKAKGSRAIWYMWLGARFLEFEALGFLNEDHWFSRENS
LSGVEGEGLHKLGYILRDVSKKEGGAMYADDTAGWDTRITLEDLKNEEMVTNHMEGEHKKLAEAIFKLTYQNKVVRVQRP
TPRGTVMDIISRRDQRGSGQVVTYGLNTFTNMEAQLIRQMEGEGVFKSIQHLTVTEEIAVKNWLVRVGRERLSRMAISGD
DCVVKPLDDRFASALTALNDMGKVRKDIQQWEPSRGWNDWTQVPFCSHHFHELIMKDGRVLVVPCRNQDELIGRARISQG
AGWSLRETACLGKSYAQMWSLMYFHRRDLRLAANAICSAVPSHWVPTSRTTWSIHATHEWMTTEDMLTVWNRVWIQENPW
MEDKTPVESWEEIPYLGKREDQWCGSLIGLTSRATWAKNIQTAINQVRSLIGNEEYTDYMPSMKRFRREEEEAGVLW
;
_entity_poly.pdbx_strand_id   A
#
# COMPACT_ATOMS: atom_id res chain seq x y z
N ASN A 10 5.97 3.30 -31.70
CA ASN A 10 4.65 2.63 -31.55
C ASN A 10 4.85 1.12 -31.74
N LEU A 11 4.34 0.57 -32.84
CA LEU A 11 4.35 -0.90 -33.12
C LEU A 11 5.79 -1.39 -33.28
N ASP A 12 6.73 -0.45 -33.41
CA ASP A 12 8.19 -0.76 -33.47
C ASP A 12 8.64 -1.30 -32.11
N ILE A 13 7.97 -0.85 -31.03
CA ILE A 13 8.32 -1.18 -29.62
C ILE A 13 7.39 -2.29 -29.11
N ILE A 14 6.12 -2.28 -29.54
CA ILE A 14 5.07 -3.22 -29.05
C ILE A 14 4.86 -4.33 -30.07
N GLY A 15 5.21 -4.07 -31.33
CA GLY A 15 5.03 -4.99 -32.48
C GLY A 15 5.43 -6.42 -32.15
N LYS A 16 6.69 -6.63 -31.76
CA LYS A 16 7.25 -7.97 -31.46
C LYS A 16 6.31 -8.70 -30.49
N ARG A 17 5.95 -8.05 -29.39
CA ARG A 17 5.05 -8.62 -28.34
C ARG A 17 3.72 -9.01 -28.97
N ILE A 18 3.12 -8.07 -29.72
CA ILE A 18 1.80 -8.22 -30.41
C ILE A 18 1.86 -9.39 -31.38
N GLU A 19 2.86 -9.41 -32.26
CA GLU A 19 3.04 -10.41 -33.34
C GLU A 19 3.29 -11.80 -32.71
N LYS A 20 4.02 -11.86 -31.60
CA LYS A 20 4.32 -13.15 -30.90
C LYS A 20 3.03 -13.74 -30.34
N ILE A 21 2.14 -12.89 -29.82
CA ILE A 21 0.83 -13.32 -29.26
C ILE A 21 -0.08 -13.78 -30.42
N LYS A 22 -0.16 -13.01 -31.50
CA LYS A 22 -0.95 -13.37 -32.71
C LYS A 22 -0.60 -14.78 -33.17
N GLN A 23 0.69 -15.14 -33.15
CA GLN A 23 1.24 -16.44 -33.66
C GLN A 23 0.85 -17.65 -32.79
N GLU A 24 0.67 -17.44 -31.48
CA GLU A 24 0.30 -18.51 -30.51
C GLU A 24 -1.23 -18.70 -30.51
N HIS A 25 -1.95 -17.81 -31.21
CA HIS A 25 -3.43 -17.86 -31.35
C HIS A 25 -3.80 -17.53 -32.81
N GLU A 26 -3.09 -18.13 -33.78
CA GLU A 26 -3.25 -17.85 -35.24
C GLU A 26 -4.61 -18.38 -35.75
N THR A 27 -5.07 -19.48 -35.13
CA THR A 27 -6.37 -20.14 -35.42
C THR A 27 -7.53 -19.16 -35.14
N SER A 28 -7.45 -18.43 -34.01
CA SER A 28 -8.55 -17.54 -33.52
C SER A 28 -8.44 -16.07 -33.96
N TRP A 29 -7.26 -15.57 -34.32
CA TRP A 29 -7.02 -14.11 -34.50
C TRP A 29 -8.16 -13.49 -35.32
N HIS A 30 -8.66 -12.33 -34.88
CA HIS A 30 -9.67 -11.52 -35.62
C HIS A 30 -9.64 -10.05 -35.19
N TYR A 31 -9.59 -9.13 -36.16
CA TYR A 31 -9.70 -7.67 -35.94
C TYR A 31 -11.17 -7.27 -35.80
N ASP A 32 -11.71 -7.38 -34.59
CA ASP A 32 -13.12 -7.02 -34.23
C ASP A 32 -13.38 -5.53 -34.56
N GLN A 33 -14.66 -5.19 -34.76
CA GLN A 33 -15.14 -3.82 -35.07
C GLN A 33 -16.01 -3.32 -33.91
N ASP A 34 -16.39 -4.23 -33.00
CA ASP A 34 -17.15 -3.93 -31.76
C ASP A 34 -16.19 -3.93 -30.57
N HIS A 35 -15.15 -3.09 -30.62
CA HIS A 35 -14.13 -2.94 -29.52
C HIS A 35 -14.49 -1.70 -28.72
N PRO A 36 -14.80 -1.84 -27.41
CA PRO A 36 -15.19 -0.71 -26.57
C PRO A 36 -14.06 0.24 -26.16
N TYR A 37 -12.98 0.32 -26.94
CA TYR A 37 -11.78 1.13 -26.62
C TYR A 37 -11.81 2.40 -27.47
N LYS A 38 -11.84 3.55 -26.79
CA LYS A 38 -11.52 4.87 -27.40
C LYS A 38 -10.06 5.21 -27.06
N THR A 39 -9.71 5.28 -25.78
CA THR A 39 -8.41 5.82 -25.28
C THR A 39 -7.30 4.77 -25.41
N TRP A 40 -7.61 3.50 -25.12
CA TRP A 40 -6.70 2.36 -25.40
C TRP A 40 -6.69 2.10 -26.92
N ALA A 41 -5.51 1.84 -27.48
CA ALA A 41 -5.42 1.40 -28.89
C ALA A 41 -5.69 -0.09 -28.90
N TYR A 42 -6.65 -0.54 -29.72
CA TYR A 42 -6.99 -1.99 -29.81
C TYR A 42 -6.21 -2.58 -30.97
N HIS A 43 -5.77 -3.83 -30.82
CA HIS A 43 -4.90 -4.42 -31.85
C HIS A 43 -5.55 -5.68 -32.44
N GLY A 44 -6.23 -6.47 -31.61
CA GLY A 44 -6.83 -7.72 -32.09
C GLY A 44 -7.44 -8.53 -30.98
N SER A 45 -7.98 -9.71 -31.30
CA SER A 45 -8.68 -10.54 -30.28
C SER A 45 -8.57 -12.02 -30.62
N TYR A 46 -8.61 -12.89 -29.60
CA TYR A 46 -8.53 -14.36 -29.78
C TYR A 46 -9.37 -15.05 -28.71
N GLU A 47 -9.74 -16.32 -28.96
CA GLU A 47 -10.68 -17.13 -28.14
C GLU A 47 -10.05 -17.46 -26.79
N THR A 48 -10.85 -17.40 -25.71
CA THR A 48 -10.44 -17.75 -24.33
C THR A 48 -11.66 -18.29 -23.58
N LYS A 49 -11.43 -19.08 -22.52
CA LYS A 49 -12.48 -19.64 -21.63
C LYS A 49 -11.88 -19.84 -20.22
N GLN A 50 -12.13 -18.87 -19.34
CA GLN A 50 -11.53 -18.80 -17.97
C GLN A 50 -12.16 -17.63 -17.21
N THR A 51 -11.90 -17.54 -15.90
CA THR A 51 -12.46 -16.52 -14.98
C THR A 51 -12.63 -15.19 -15.74
N ALA A 54 -11.73 -16.14 -8.36
CA ALA A 54 -11.36 -16.25 -6.93
C ALA A 54 -11.99 -15.10 -6.13
N SER A 55 -13.17 -15.34 -5.52
CA SER A 55 -13.89 -14.39 -4.62
C SER A 55 -13.38 -14.56 -3.17
N SER A 56 -13.86 -13.72 -2.25
CA SER A 56 -13.44 -13.68 -0.83
C SER A 56 -14.11 -14.84 -0.09
N MET A 57 -13.34 -15.63 0.65
CA MET A 57 -13.83 -16.76 1.51
C MET A 57 -13.89 -16.29 2.98
N VAL A 58 -14.85 -16.75 3.76
CA VAL A 58 -14.88 -16.42 5.21
C VAL A 58 -13.95 -17.35 6.01
N ASN A 59 -13.18 -16.76 6.93
CA ASN A 59 -12.41 -17.43 7.98
C ASN A 59 -13.32 -17.84 9.13
N GLY A 60 -13.61 -19.13 9.25
CA GLY A 60 -14.51 -19.70 10.28
C GLY A 60 -13.97 -19.57 11.70
N VAL A 61 -12.65 -19.62 11.91
CA VAL A 61 -12.13 -19.44 13.28
C VAL A 61 -12.49 -18.03 13.79
N VAL A 62 -12.20 -16.96 13.04
CA VAL A 62 -12.50 -15.56 13.47
C VAL A 62 -14.04 -15.38 13.57
N ARG A 63 -14.80 -15.87 12.60
CA ARG A 63 -16.26 -15.69 12.65
C ARG A 63 -16.85 -16.32 13.92
N LEU A 64 -16.55 -17.57 14.24
CA LEU A 64 -17.15 -18.26 15.42
C LEU A 64 -16.79 -17.49 16.70
N LEU A 65 -15.67 -16.77 16.71
CA LEU A 65 -15.23 -16.05 17.94
C LEU A 65 -15.64 -14.56 17.91
N THR A 66 -16.41 -14.12 16.91
CA THR A 66 -16.95 -12.74 16.83
C THR A 66 -18.47 -12.79 16.54
N LYS A 67 -19.23 -13.57 17.28
CA LYS A 67 -20.65 -13.84 17.01
C LYS A 67 -21.51 -12.58 17.04
N PRO A 68 -21.31 -11.59 17.94
CA PRO A 68 -22.13 -10.37 17.92
C PRO A 68 -22.13 -9.67 16.55
N TRP A 69 -21.06 -9.83 15.80
CA TRP A 69 -20.92 -9.11 14.53
C TRP A 69 -21.65 -9.84 13.40
N ASP A 70 -22.18 -11.03 13.65
CA ASP A 70 -22.90 -11.81 12.61
C ASP A 70 -24.17 -11.07 12.18
N ILE A 71 -24.65 -10.08 12.94
CA ILE A 71 -25.93 -9.35 12.68
C ILE A 71 -25.64 -7.87 12.34
N ILE A 72 -24.37 -7.45 12.19
CA ILE A 72 -23.94 -6.08 11.80
C ILE A 72 -23.66 -6.04 10.30
N PRO A 73 -24.55 -5.43 9.48
CA PRO A 73 -24.35 -5.47 8.03
C PRO A 73 -23.03 -4.90 7.53
N MET A 74 -22.49 -3.89 8.22
CA MET A 74 -21.19 -3.30 7.80
C MET A 74 -20.13 -4.40 7.83
N VAL A 75 -20.20 -5.31 8.81
CA VAL A 75 -19.24 -6.45 8.90
C VAL A 75 -19.58 -7.47 7.83
N THR A 76 -20.83 -7.92 7.75
CA THR A 76 -21.22 -9.12 6.99
C THR A 76 -21.20 -8.85 5.49
N GLN A 77 -21.50 -7.63 5.07
CA GLN A 77 -21.50 -7.28 3.62
C GLN A 77 -20.07 -7.22 3.11
N MET A 78 -19.06 -7.02 3.96
CA MET A 78 -17.68 -6.95 3.45
C MET A 78 -17.33 -8.27 2.76
N ALA A 79 -17.97 -9.38 3.13
CA ALA A 79 -17.57 -10.72 2.64
C ALA A 79 -18.30 -11.08 1.34
N MET A 80 -19.27 -10.29 0.89
CA MET A 80 -20.04 -10.67 -0.34
C MET A 80 -19.30 -10.12 -1.58
N THR A 81 -19.67 -10.54 -2.80
CA THR A 81 -19.15 -9.98 -4.07
C THR A 81 -19.00 -11.04 -5.15
N LYS A 93 -12.87 0.19 -15.02
CA LYS A 93 -14.26 0.24 -15.56
C LYS A 93 -14.43 1.52 -16.40
N GLU A 94 -14.95 2.58 -15.77
CA GLU A 94 -15.21 3.91 -16.40
C GLU A 94 -14.05 4.87 -16.10
N LYS A 95 -12.87 4.34 -15.74
CA LYS A 95 -11.74 5.12 -15.17
C LYS A 95 -10.46 4.74 -15.91
N VAL A 96 -10.24 3.45 -16.14
CA VAL A 96 -9.10 2.92 -16.93
C VAL A 96 -9.22 3.37 -18.40
N ASP A 97 -10.44 3.54 -18.94
CA ASP A 97 -10.65 3.94 -20.37
C ASP A 97 -10.99 5.45 -20.48
N THR A 98 -10.21 6.29 -19.78
CA THR A 98 -10.21 7.77 -19.91
C THR A 98 -8.80 8.21 -20.28
N ARG A 99 -8.60 9.47 -20.67
CA ARG A 99 -7.27 10.06 -20.99
C ARG A 99 -7.10 11.39 -20.24
N THR A 100 -5.91 11.63 -19.71
CA THR A 100 -5.54 12.93 -19.08
C THR A 100 -4.95 13.81 -20.20
N GLN A 101 -5.33 15.10 -20.22
CA GLN A 101 -4.73 16.15 -21.09
C GLN A 101 -3.22 16.19 -20.79
N GLU A 102 -2.42 16.76 -21.70
CA GLU A 102 -0.98 17.02 -21.43
C GLU A 102 -0.89 18.35 -20.69
N PRO A 103 -0.19 18.42 -19.55
CA PRO A 103 0.00 19.68 -18.84
C PRO A 103 0.43 20.84 -19.74
N LYS A 104 0.14 22.06 -19.32
CA LYS A 104 0.71 23.32 -19.89
C LYS A 104 2.24 23.30 -19.70
N GLU A 105 2.92 24.21 -20.40
CA GLU A 105 4.40 24.29 -20.52
C GLU A 105 5.02 24.66 -19.18
N GLY A 106 4.37 25.57 -18.45
CA GLY A 106 4.85 26.04 -17.13
C GLY A 106 4.78 24.89 -16.12
N THR A 107 3.71 24.11 -16.19
CA THR A 107 3.50 22.87 -15.40
C THR A 107 4.66 21.90 -15.69
N LYS A 108 4.86 21.50 -16.96
CA LYS A 108 6.01 20.65 -17.41
C LYS A 108 7.34 21.18 -16.83
N LYS A 109 7.57 22.48 -16.83
CA LYS A 109 8.88 23.04 -16.36
C LYS A 109 9.05 22.82 -14.85
N LEU A 110 7.97 23.03 -14.09
CA LEU A 110 7.93 22.96 -12.61
C LEU A 110 8.25 21.51 -12.23
N MET A 111 7.57 20.58 -12.90
CA MET A 111 7.63 19.12 -12.74
C MET A 111 9.03 18.60 -13.08
N LYS A 112 9.67 19.07 -14.16
CA LYS A 112 11.03 18.61 -14.54
C LYS A 112 12.01 19.13 -13.50
N ILE A 113 11.87 20.36 -13.03
CA ILE A 113 12.89 20.99 -12.15
C ILE A 113 12.81 20.32 -10.76
N THR A 114 11.58 20.18 -10.25
CA THR A 114 11.29 19.53 -8.94
C THR A 114 11.72 18.06 -8.97
N ALA A 115 11.44 17.33 -10.05
CA ALA A 115 11.79 15.89 -10.19
C ALA A 115 13.32 15.74 -10.19
N GLU A 116 14.00 16.54 -11.03
CA GLU A 116 15.48 16.59 -11.08
C GLU A 116 16.02 16.75 -9.66
N TRP A 117 15.54 17.75 -8.92
CA TRP A 117 16.01 18.08 -7.56
C TRP A 117 15.65 16.95 -6.59
N LEU A 118 14.49 16.30 -6.76
CA LEU A 118 14.01 15.31 -5.76
C LEU A 118 14.85 14.03 -5.89
N TRP A 119 15.04 13.51 -7.11
CA TRP A 119 15.98 12.37 -7.37
C TRP A 119 17.40 12.66 -6.87
N LYS A 120 17.92 13.89 -6.98
CA LYS A 120 19.23 14.25 -6.39
C LYS A 120 19.17 14.14 -4.87
N GLU A 121 18.14 14.68 -4.21
CA GLU A 121 18.01 14.60 -2.72
C GLU A 121 17.91 13.14 -2.27
N LEU A 122 17.08 12.34 -2.94
CA LEU A 122 16.86 10.92 -2.54
C LEU A 122 18.17 10.13 -2.73
N GLY A 123 18.98 10.52 -3.71
CA GLY A 123 20.26 9.87 -4.04
C GLY A 123 21.44 10.29 -3.16
N LYS A 124 21.37 11.35 -2.36
CA LYS A 124 22.59 11.87 -1.69
C LYS A 124 23.25 10.81 -0.81
N LYS A 125 22.48 9.93 -0.18
CA LYS A 125 23.00 8.95 0.80
C LYS A 125 22.59 7.52 0.40
N LYS A 126 22.31 7.25 -0.86
CA LYS A 126 21.87 5.91 -1.35
C LYS A 126 22.54 5.66 -2.70
N THR A 127 22.84 4.39 -2.99
CA THR A 127 23.51 3.95 -4.24
C THR A 127 22.54 3.08 -5.04
N PRO A 128 22.01 3.54 -6.19
CA PRO A 128 21.20 2.65 -7.03
C PRO A 128 22.00 1.37 -7.34
N ARG A 129 21.32 0.22 -7.42
CA ARG A 129 22.00 -1.07 -7.61
C ARG A 129 21.00 -2.15 -8.03
N MET A 130 21.45 -3.15 -8.80
CA MET A 130 20.58 -4.25 -9.29
C MET A 130 20.25 -5.15 -8.11
N CYS A 131 18.99 -5.58 -8.05
CA CYS A 131 18.61 -6.68 -7.15
C CYS A 131 18.90 -8.02 -7.87
N THR A 132 18.99 -9.12 -7.12
CA THR A 132 19.60 -10.41 -7.58
C THR A 132 18.55 -11.53 -7.66
N ARG A 133 18.79 -12.51 -8.53
CA ARG A 133 18.04 -13.81 -8.54
C ARG A 133 17.87 -14.26 -7.10
N GLU A 134 18.96 -14.23 -6.33
CA GLU A 134 18.92 -14.76 -4.95
C GLU A 134 17.85 -14.02 -4.15
N GLU A 135 17.86 -12.68 -4.19
CA GLU A 135 16.88 -11.87 -3.43
C GLU A 135 15.47 -12.22 -3.89
N PHE A 136 15.27 -12.30 -5.21
CA PHE A 136 13.93 -12.61 -5.77
C PHE A 136 13.55 -14.04 -5.38
N THR A 137 14.51 -14.97 -5.45
CA THR A 137 14.25 -16.38 -5.08
C THR A 137 13.77 -16.45 -3.63
N ARG A 138 14.46 -15.74 -2.74
CA ARG A 138 14.11 -15.78 -1.30
C ARG A 138 12.72 -15.16 -1.12
N LYS A 139 12.41 -14.11 -1.88
CA LYS A 139 11.10 -13.44 -1.76
C LYS A 139 9.99 -14.46 -2.08
N VAL A 140 10.13 -15.19 -3.18
CA VAL A 140 9.06 -16.15 -3.61
C VAL A 140 9.08 -17.35 -2.65
N ARG A 141 10.25 -17.72 -2.16
CA ARG A 141 10.37 -18.85 -1.19
C ARG A 141 9.74 -18.42 0.13
N SER A 142 9.94 -17.15 0.50
CA SER A 142 9.34 -16.61 1.75
C SER A 142 7.86 -16.30 1.49
N ASN A 143 7.43 -16.46 0.23
CA ASN A 143 6.02 -16.18 -0.14
C ASN A 143 5.75 -14.68 -0.06
N ALA A 144 5.56 -14.03 -1.21
CA ALA A 144 5.23 -12.59 -1.26
C ALA A 144 4.34 -12.31 -2.48
N ALA A 145 3.54 -11.24 -2.42
CA ALA A 145 2.57 -10.82 -3.46
C ALA A 145 3.30 -10.03 -4.56
N LEU A 146 3.72 -10.71 -5.63
CA LEU A 146 4.53 -10.14 -6.73
C LEU A 146 3.63 -9.81 -7.93
N GLY A 147 2.40 -10.36 -7.93
CA GLY A 147 1.42 -10.18 -9.02
C GLY A 147 1.83 -10.94 -10.28
N ALA A 148 1.94 -12.27 -10.18
CA ALA A 148 2.39 -13.16 -11.28
C ALA A 148 1.20 -13.93 -11.88
N ILE A 149 1.50 -14.95 -12.71
CA ILE A 149 0.51 -15.89 -13.34
C ILE A 149 1.16 -17.28 -13.43
N LYS A 155 4.28 -23.58 -18.24
CA LYS A 155 5.10 -24.79 -17.97
C LYS A 155 5.02 -25.12 -16.47
N TRP A 156 5.41 -24.18 -15.61
CA TRP A 156 5.36 -24.40 -14.14
C TRP A 156 4.03 -23.89 -13.59
N LYS A 157 3.60 -24.42 -12.44
CA LYS A 157 2.33 -24.00 -11.82
C LYS A 157 2.61 -23.02 -10.67
N SER A 158 3.59 -23.34 -9.82
CA SER A 158 3.92 -22.48 -8.66
C SER A 158 5.13 -21.62 -9.00
N ALA A 159 5.15 -20.38 -8.50
CA ALA A 159 6.31 -19.50 -8.71
C ALA A 159 7.56 -20.13 -8.09
N ARG A 160 7.39 -20.77 -6.93
CA ARG A 160 8.54 -21.39 -6.22
C ARG A 160 9.27 -22.35 -7.15
N GLU A 161 8.52 -23.18 -7.90
CA GLU A 161 9.16 -24.21 -8.77
C GLU A 161 9.95 -23.56 -9.90
N ALA A 162 9.39 -22.51 -10.52
CA ALA A 162 10.05 -21.89 -11.69
C ALA A 162 11.41 -21.33 -11.30
N VAL A 163 11.60 -20.98 -10.03
CA VAL A 163 12.88 -20.34 -9.59
C VAL A 163 14.02 -21.36 -9.64
N GLU A 164 13.70 -22.65 -9.79
CA GLU A 164 14.75 -23.70 -9.77
C GLU A 164 14.98 -24.23 -11.19
N ASP A 165 13.94 -24.23 -12.02
CA ASP A 165 14.04 -24.73 -13.42
C ASP A 165 14.86 -23.74 -14.27
N SER A 166 16.13 -24.04 -14.47
CA SER A 166 17.06 -23.13 -15.20
C SER A 166 16.48 -22.66 -16.53
N GLY A 167 15.56 -23.43 -17.11
CA GLY A 167 14.92 -23.01 -18.36
C GLY A 167 14.23 -21.67 -18.15
N PHE A 168 13.60 -21.52 -16.99
CA PHE A 168 12.98 -20.22 -16.66
C PHE A 168 14.05 -19.14 -16.73
N TRP A 169 15.18 -19.38 -16.07
CA TRP A 169 16.25 -18.36 -16.01
C TRP A 169 16.85 -18.17 -17.41
N GLU A 170 16.70 -19.16 -18.29
CA GLU A 170 17.17 -18.97 -19.68
C GLU A 170 16.13 -18.08 -20.39
N LEU A 171 14.86 -18.25 -20.05
CA LEU A 171 13.81 -17.38 -20.63
C LEU A 171 14.08 -15.95 -20.17
N VAL A 172 14.44 -15.79 -18.89
CA VAL A 172 14.78 -14.44 -18.36
C VAL A 172 16.02 -13.93 -19.10
N ASP A 173 17.03 -14.80 -19.24
CA ASP A 173 18.27 -14.40 -19.96
C ASP A 173 17.89 -13.96 -21.37
N LYS A 174 17.07 -14.76 -22.05
CA LYS A 174 16.70 -14.42 -23.45
C LYS A 174 16.14 -12.99 -23.46
N GLU A 175 15.10 -12.76 -22.65
CA GLU A 175 14.42 -11.45 -22.53
C GLU A 175 15.45 -10.38 -22.16
N ARG A 176 16.19 -10.64 -21.09
CA ARG A 176 17.19 -9.69 -20.54
C ARG A 176 18.10 -9.16 -21.66
N ASN A 177 18.57 -10.03 -22.58
CA ASN A 177 19.51 -9.63 -23.67
C ASN A 177 18.76 -8.80 -24.72
N LEU A 178 17.49 -9.13 -24.96
CA LEU A 178 16.57 -8.29 -25.78
C LEU A 178 16.45 -6.90 -25.16
N HIS A 179 16.34 -6.80 -23.83
CA HIS A 179 16.24 -5.48 -23.14
C HIS A 179 17.51 -4.65 -23.40
N LEU A 180 18.71 -5.26 -23.24
CA LEU A 180 20.01 -4.58 -23.51
C LEU A 180 20.06 -4.16 -24.99
N GLU A 181 19.38 -4.89 -25.88
CA GLU A 181 19.24 -4.55 -27.31
C GLU A 181 18.09 -3.53 -27.54
N GLY A 182 17.46 -3.02 -26.46
CA GLY A 182 16.35 -2.04 -26.50
C GLY A 182 15.10 -2.59 -27.17
N LYS A 183 14.81 -3.88 -27.00
CA LYS A 183 13.65 -4.60 -27.58
C LYS A 183 12.98 -5.43 -26.48
N CYS A 184 11.73 -5.83 -26.69
CA CYS A 184 10.92 -6.59 -25.69
C CYS A 184 10.02 -7.62 -26.41
N GLU A 185 9.89 -8.82 -25.84
CA GLU A 185 9.16 -9.95 -26.49
C GLU A 185 7.98 -10.39 -25.61
N THR A 186 8.18 -10.56 -24.29
CA THR A 186 7.21 -11.27 -23.42
C THR A 186 6.68 -10.39 -22.28
N CYS A 187 7.10 -9.13 -22.16
CA CYS A 187 6.67 -8.24 -21.04
C CYS A 187 5.30 -7.63 -21.34
N VAL A 188 4.28 -8.45 -21.09
CA VAL A 188 2.85 -8.14 -21.38
C VAL A 188 2.05 -8.17 -20.07
N TYR A 189 1.09 -7.27 -19.94
CA TYR A 189 0.20 -7.16 -18.76
C TYR A 189 -1.07 -7.98 -18.99
N ASN A 190 -1.47 -8.74 -17.95
CA ASN A 190 -2.83 -9.35 -17.80
C ASN A 190 -3.69 -8.50 -16.85
N MET A 191 -4.62 -7.70 -17.36
CA MET A 191 -5.54 -6.84 -16.55
C MET A 191 -6.67 -7.71 -15.96
N MET A 192 -6.99 -7.51 -14.67
CA MET A 192 -8.04 -8.25 -13.91
C MET A 192 -8.66 -7.36 -12.83
N SER A 208 -12.28 1.27 -7.13
CA SER A 208 -11.13 1.92 -7.82
C SER A 208 -9.89 1.02 -7.76
N ARG A 209 -9.98 -0.21 -8.26
CA ARG A 209 -8.83 -1.15 -8.37
C ARG A 209 -8.91 -1.96 -9.67
N ALA A 210 -7.75 -2.32 -10.21
CA ALA A 210 -7.50 -3.42 -11.17
C ALA A 210 -5.99 -3.74 -11.09
N ILE A 211 -5.62 -5.01 -11.01
CA ILE A 211 -4.19 -5.43 -10.77
C ILE A 211 -3.62 -6.00 -12.06
N TRP A 212 -2.47 -5.47 -12.49
CA TRP A 212 -1.84 -5.77 -13.80
C TRP A 212 -0.80 -6.87 -13.57
N TYR A 213 -1.26 -8.12 -13.52
CA TYR A 213 -0.39 -9.32 -13.38
C TYR A 213 0.55 -9.40 -14.59
N MET A 214 1.75 -9.92 -14.37
CA MET A 214 2.73 -10.23 -15.44
C MET A 214 3.27 -11.63 -15.18
N TRP A 215 3.93 -12.24 -16.15
CA TRP A 215 4.60 -13.56 -15.95
C TRP A 215 5.87 -13.34 -15.10
N LEU A 216 6.22 -14.34 -14.29
CA LEU A 216 7.18 -14.18 -13.17
C LEU A 216 8.47 -13.56 -13.71
N GLY A 217 8.93 -13.99 -14.89
CA GLY A 217 10.15 -13.48 -15.54
C GLY A 217 10.10 -11.99 -15.80
N ALA A 218 8.97 -11.47 -16.29
CA ALA A 218 8.73 -10.01 -16.50
C ALA A 218 8.89 -9.26 -15.16
N ARG A 219 8.38 -9.84 -14.07
CA ARG A 219 8.47 -9.33 -12.68
C ARG A 219 9.89 -9.38 -12.17
N PHE A 220 10.64 -10.45 -12.47
CA PHE A 220 12.07 -10.54 -12.09
C PHE A 220 12.81 -9.31 -12.63
N LEU A 221 12.62 -9.02 -13.92
CA LEU A 221 13.41 -7.99 -14.63
C LEU A 221 13.03 -6.60 -14.11
N GLU A 222 11.75 -6.38 -13.81
CA GLU A 222 11.32 -5.13 -13.13
C GLU A 222 12.03 -5.05 -11.77
N PHE A 223 12.01 -6.12 -10.97
CA PHE A 223 12.60 -6.19 -9.62
C PHE A 223 14.12 -5.96 -9.67
N GLU A 224 14.77 -6.54 -10.67
CA GLU A 224 16.24 -6.43 -10.90
C GLU A 224 16.62 -4.95 -11.11
N ALA A 225 15.81 -4.23 -11.89
CA ALA A 225 16.11 -2.87 -12.38
C ALA A 225 15.68 -1.79 -11.37
N LEU A 226 14.55 -1.99 -10.67
CA LEU A 226 13.96 -0.93 -9.80
C LEU A 226 13.68 -1.36 -8.36
N GLY A 227 13.90 -2.64 -8.03
CA GLY A 227 13.71 -3.21 -6.67
C GLY A 227 14.47 -2.45 -5.60
N PHE A 228 15.61 -1.85 -5.95
CA PHE A 228 16.45 -1.12 -4.97
C PHE A 228 15.62 -0.03 -4.26
N LEU A 229 14.65 0.61 -4.93
CA LEU A 229 13.82 1.72 -4.37
C LEU A 229 13.18 1.27 -3.05
N ASN A 230 12.66 0.05 -3.03
CA ASN A 230 12.02 -0.59 -1.85
C ASN A 230 13.06 -1.36 -1.02
N GLU A 231 13.87 -2.22 -1.65
CA GLU A 231 14.86 -3.08 -0.93
C GLU A 231 15.81 -2.21 -0.08
N ASP A 232 16.21 -1.02 -0.55
CA ASP A 232 17.13 -0.14 0.22
C ASP A 232 16.43 1.09 0.80
N HIS A 233 15.10 1.12 0.86
CA HIS A 233 14.37 2.09 1.71
C HIS A 233 14.60 3.54 1.24
N TRP A 234 14.47 3.78 -0.06
CA TRP A 234 14.70 5.14 -0.62
C TRP A 234 13.61 6.09 -0.11
N PHE A 235 12.46 5.54 0.26
CA PHE A 235 11.31 6.37 0.71
C PHE A 235 11.14 6.27 2.23
N SER A 236 12.21 5.95 2.96
CA SER A 236 12.17 5.99 4.43
C SER A 236 12.03 7.46 4.85
N ARG A 237 11.51 7.74 6.04
CA ARG A 237 11.40 9.13 6.51
C ARG A 237 12.82 9.73 6.64
N GLU A 238 13.77 8.93 7.12
CA GLU A 238 15.16 9.42 7.31
C GLU A 238 15.74 9.87 5.97
N ASN A 239 15.49 9.12 4.89
CA ASN A 239 16.09 9.45 3.58
C ASN A 239 15.20 10.39 2.76
N SER A 240 13.88 10.29 2.87
CA SER A 240 12.96 11.07 2.00
C SER A 240 12.32 12.26 2.74
N LEU A 241 12.29 12.21 4.07
CA LEU A 241 11.73 13.32 4.91
C LEU A 241 10.20 13.32 4.86
N SER A 242 9.61 13.06 3.69
CA SER A 242 8.13 13.03 3.54
C SER A 242 7.63 11.58 3.61
N GLY A 243 8.47 10.61 3.24
CA GLY A 243 8.03 9.20 3.17
C GLY A 243 7.84 8.54 4.53
N VAL A 244 7.19 7.38 4.51
CA VAL A 244 6.86 6.62 5.74
C VAL A 244 7.07 5.11 5.48
N GLU A 245 7.83 4.76 4.44
CA GLU A 245 8.05 3.33 4.07
C GLU A 245 8.80 2.62 5.19
N GLY A 246 8.27 1.48 5.65
CA GLY A 246 8.91 0.71 6.72
C GLY A 246 8.83 1.36 8.08
N GLU A 247 7.99 2.38 8.22
CA GLU A 247 7.82 3.04 9.55
C GLU A 247 6.96 2.14 10.46
N GLY A 248 5.83 1.64 9.97
CA GLY A 248 4.92 0.84 10.82
C GLY A 248 3.77 1.65 11.39
N LEU A 249 2.72 1.03 11.64
N LEU A 249 2.69 1.06 11.58
CA LEU A 249 1.44 1.70 11.99
CA LEU A 249 1.45 1.76 12.00
C LEU A 249 1.52 2.28 13.40
C LEU A 249 1.66 2.43 13.36
N HIS A 250 2.49 1.83 14.21
CA HIS A 250 2.76 2.31 15.59
C HIS A 250 3.53 3.65 15.56
N LYS A 251 4.07 4.05 14.40
CA LYS A 251 4.91 5.27 14.26
C LYS A 251 4.16 6.37 13.50
N LEU A 252 3.25 6.00 12.60
CA LEU A 252 2.54 6.98 11.72
C LEU A 252 1.89 8.06 12.58
N GLY A 253 1.24 7.69 13.68
CA GLY A 253 0.58 8.66 14.58
C GLY A 253 1.58 9.63 15.20
N TYR A 254 2.72 9.12 15.67
CA TYR A 254 3.80 9.99 16.22
C TYR A 254 4.31 10.90 15.12
N ILE A 255 4.39 10.39 13.89
CA ILE A 255 4.88 11.19 12.74
C ILE A 255 3.89 12.33 12.43
N LEU A 256 2.59 12.04 12.33
CA LEU A 256 1.56 13.08 12.12
C LEU A 256 1.62 14.11 13.25
N ARG A 257 1.79 13.66 14.50
CA ARG A 257 1.91 14.60 15.64
C ARG A 257 3.15 15.47 15.49
N ASP A 258 4.26 14.96 14.95
CA ASP A 258 5.50 15.80 14.76
C ASP A 258 5.28 16.83 13.64
N VAL A 259 4.55 16.50 12.57
CA VAL A 259 4.13 17.48 11.55
C VAL A 259 3.29 18.56 12.24
N SER A 260 2.36 18.20 13.10
CA SER A 260 1.46 19.17 13.79
C SER A 260 2.29 20.19 14.58
N LYS A 261 3.50 19.86 15.03
CA LYS A 261 4.27 20.73 15.96
C LYS A 261 4.85 21.93 15.21
N LYS A 262 4.93 21.84 13.89
CA LYS A 262 5.48 22.88 13.00
C LYS A 262 4.52 24.05 12.99
N GLU A 263 5.04 25.24 12.76
CA GLU A 263 4.21 26.45 12.61
C GLU A 263 3.60 26.33 11.24
N GLY A 264 2.29 26.60 11.11
CA GLY A 264 1.63 26.82 9.81
C GLY A 264 0.12 26.74 9.92
N GLY A 265 -0.54 26.42 8.81
CA GLY A 265 -2.01 26.42 8.77
C GLY A 265 -2.60 25.07 9.14
N ALA A 266 -3.75 24.76 8.57
CA ALA A 266 -4.47 23.49 8.78
C ALA A 266 -3.60 22.36 8.24
N MET A 267 -3.92 21.12 8.59
CA MET A 267 -3.36 19.92 7.95
C MET A 267 -4.32 19.51 6.83
N TYR A 268 -3.81 19.29 5.64
CA TYR A 268 -4.62 18.97 4.44
C TYR A 268 -4.35 17.52 4.08
N ALA A 269 -5.41 16.79 3.76
CA ALA A 269 -5.34 15.40 3.37
C ALA A 269 -6.31 15.19 2.23
N ASP A 270 -6.06 15.80 1.08
CA ASP A 270 -6.89 15.62 -0.13
C ASP A 270 -6.50 14.29 -0.77
N ASP A 271 -7.45 13.37 -0.92
CA ASP A 271 -7.32 12.14 -1.75
C ASP A 271 -7.48 12.51 -3.22
N THR A 272 -6.77 11.84 -4.13
CA THR A 272 -6.90 12.02 -5.59
C THR A 272 -7.92 11.01 -6.12
N ALA A 273 -8.70 11.42 -7.11
CA ALA A 273 -9.69 10.56 -7.82
C ALA A 273 -8.98 9.62 -8.82
N GLY A 274 -8.82 8.35 -8.46
CA GLY A 274 -8.18 7.30 -9.28
C GLY A 274 -6.76 7.66 -9.72
N TRP A 275 -5.87 7.86 -8.75
CA TRP A 275 -4.45 8.27 -8.93
C TRP A 275 -3.73 7.51 -10.05
N ASP A 276 -3.78 6.18 -10.09
CA ASP A 276 -3.02 5.37 -11.08
C ASP A 276 -3.46 5.73 -12.51
N THR A 277 -4.75 6.06 -12.70
CA THR A 277 -5.29 6.38 -14.05
C THR A 277 -4.95 7.82 -14.44
N ARG A 278 -4.39 8.64 -13.53
CA ARG A 278 -4.06 10.06 -13.79
C ARG A 278 -2.56 10.28 -13.95
N ILE A 279 -1.74 9.21 -13.94
CA ILE A 279 -0.26 9.32 -14.17
C ILE A 279 -0.05 9.61 -15.67
N THR A 280 0.51 10.76 -15.97
CA THR A 280 0.70 11.26 -17.36
C THR A 280 2.04 10.73 -17.86
N LEU A 281 2.20 10.63 -19.18
CA LEU A 281 3.50 10.28 -19.80
C LEU A 281 4.57 11.26 -19.30
N GLU A 282 4.22 12.52 -18.99
CA GLU A 282 5.18 13.50 -18.41
C GLU A 282 5.63 13.03 -17.01
N ASP A 283 4.71 12.45 -16.24
CA ASP A 283 5.02 11.84 -14.92
C ASP A 283 5.97 10.66 -15.16
N LEU A 284 5.63 9.75 -16.07
CA LEU A 284 6.46 8.58 -16.42
C LEU A 284 7.88 9.01 -16.84
N LYS A 285 8.01 10.14 -17.53
CA LYS A 285 9.32 10.68 -18.00
C LYS A 285 10.09 11.27 -16.82
N ASN A 286 9.44 11.97 -15.90
CA ASN A 286 10.15 12.50 -14.69
C ASN A 286 10.58 11.37 -13.75
N GLU A 287 9.80 10.29 -13.68
CA GLU A 287 10.14 9.07 -12.89
C GLU A 287 11.41 8.40 -13.46
N GLU A 288 11.51 8.31 -14.78
CA GLU A 288 12.63 7.69 -15.55
C GLU A 288 13.94 8.42 -15.25
N MET A 289 13.94 9.63 -14.69
CA MET A 289 15.19 10.40 -14.49
C MET A 289 15.98 9.77 -13.35
N VAL A 290 15.42 8.79 -12.62
CA VAL A 290 16.23 7.97 -11.67
C VAL A 290 17.38 7.26 -12.42
N THR A 291 17.22 6.91 -13.71
CA THR A 291 18.28 6.21 -14.50
C THR A 291 19.52 7.12 -14.63
N ASN A 292 19.34 8.43 -14.51
CA ASN A 292 20.47 9.40 -14.59
C ASN A 292 21.46 9.18 -13.45
N HIS A 293 21.07 8.45 -12.42
CA HIS A 293 21.92 8.21 -11.21
C HIS A 293 22.56 6.83 -11.28
N MET A 294 22.27 6.06 -12.34
CA MET A 294 22.68 4.65 -12.52
C MET A 294 23.89 4.58 -13.46
N GLU A 295 24.48 3.40 -13.62
CA GLU A 295 25.63 3.14 -14.52
C GLU A 295 25.60 1.71 -15.05
N GLY A 296 26.28 1.51 -16.18
CA GLY A 296 26.61 0.18 -16.72
C GLY A 296 25.40 -0.53 -17.26
N GLU A 297 25.32 -1.83 -16.95
CA GLU A 297 24.19 -2.74 -17.30
C GLU A 297 22.90 -2.23 -16.63
N HIS A 298 22.94 -2.03 -15.32
CA HIS A 298 21.82 -1.49 -14.51
C HIS A 298 21.14 -0.35 -15.28
N LYS A 299 21.90 0.68 -15.63
CA LYS A 299 21.33 1.84 -16.36
C LYS A 299 20.55 1.35 -17.60
N LYS A 300 21.11 0.39 -18.36
CA LYS A 300 20.49 -0.06 -19.62
C LYS A 300 19.22 -0.84 -19.27
N LEU A 301 19.29 -1.71 -18.26
CA LEU A 301 18.12 -2.54 -17.87
C LEU A 301 16.99 -1.62 -17.37
N ALA A 302 17.22 -0.69 -16.42
CA ALA A 302 16.21 0.26 -15.91
C ALA A 302 15.65 1.12 -17.06
N GLU A 303 16.49 1.55 -18.00
CA GLU A 303 16.02 2.44 -19.10
C GLU A 303 15.02 1.71 -19.97
N ALA A 304 15.18 0.39 -20.09
CA ALA A 304 14.31 -0.46 -20.93
C ALA A 304 13.00 -0.78 -20.19
N ILE A 305 13.02 -1.02 -18.88
CA ILE A 305 11.76 -1.20 -18.11
C ILE A 305 10.95 0.08 -18.34
N PHE A 306 11.56 1.25 -18.14
CA PHE A 306 10.82 2.53 -18.26
C PHE A 306 10.28 2.66 -19.69
N LYS A 307 11.15 2.44 -20.69
CA LYS A 307 10.90 2.73 -22.14
C LYS A 307 9.86 1.73 -22.66
N LEU A 308 10.01 0.43 -22.34
CA LEU A 308 9.36 -0.68 -23.09
C LEU A 308 8.17 -1.28 -22.35
N THR A 309 8.09 -1.17 -21.03
CA THR A 309 6.98 -1.75 -20.23
C THR A 309 6.10 -0.60 -19.71
N TYR A 310 6.66 0.49 -19.20
CA TYR A 310 5.90 1.61 -18.56
C TYR A 310 5.41 2.64 -19.59
N GLN A 311 6.29 3.17 -20.45
CA GLN A 311 5.95 4.28 -21.39
C GLN A 311 5.33 3.73 -22.68
N ASN A 312 5.26 2.40 -22.79
CA ASN A 312 4.60 1.62 -23.88
C ASN A 312 4.19 0.30 -23.26
N LYS A 313 2.89 0.03 -23.16
CA LYS A 313 2.40 -1.18 -22.46
C LYS A 313 1.66 -2.01 -23.49
N VAL A 314 1.52 -3.29 -23.23
CA VAL A 314 0.67 -4.20 -24.01
C VAL A 314 -0.08 -4.98 -22.96
N VAL A 315 -1.39 -5.11 -23.13
CA VAL A 315 -2.27 -5.63 -22.06
C VAL A 315 -3.28 -6.57 -22.73
N ARG A 316 -3.52 -7.71 -22.10
CA ARG A 316 -4.60 -8.64 -22.51
C ARG A 316 -5.75 -8.54 -21.51
N VAL A 317 -6.88 -7.97 -21.95
CA VAL A 317 -8.16 -7.85 -21.17
C VAL A 317 -9.13 -8.95 -21.65
N GLN A 318 -9.85 -9.58 -20.72
CA GLN A 318 -10.77 -10.71 -21.00
C GLN A 318 -12.22 -10.21 -21.08
N ARG A 319 -12.64 -9.78 -22.27
CA ARG A 319 -14.00 -9.19 -22.55
C ARG A 319 -15.02 -10.31 -22.69
N PRO A 320 -16.09 -10.33 -21.85
CA PRO A 320 -17.11 -11.37 -21.90
C PRO A 320 -17.85 -11.48 -23.25
N THR A 321 -17.99 -10.36 -23.96
CA THR A 321 -18.68 -10.26 -25.28
C THR A 321 -18.06 -11.27 -26.26
N THR A 325 -16.64 -15.16 -24.65
CA THR A 325 -15.66 -14.13 -24.23
C THR A 325 -14.49 -14.08 -25.20
N VAL A 326 -13.74 -12.97 -25.21
CA VAL A 326 -12.57 -12.83 -26.11
C VAL A 326 -11.39 -12.27 -25.31
N MET A 327 -10.21 -12.23 -25.92
CA MET A 327 -9.03 -11.65 -25.25
C MET A 327 -8.53 -10.49 -26.12
N ASP A 328 -8.82 -9.26 -25.71
CA ASP A 328 -8.38 -8.08 -26.50
C ASP A 328 -6.91 -7.79 -26.22
N ILE A 329 -6.14 -7.48 -27.26
CA ILE A 329 -4.72 -7.08 -27.04
C ILE A 329 -4.71 -5.57 -27.26
N ILE A 330 -4.64 -4.83 -26.18
CA ILE A 330 -4.73 -3.34 -26.21
C ILE A 330 -3.38 -2.76 -25.74
N SER A 331 -3.10 -1.52 -26.10
CA SER A 331 -1.85 -0.80 -25.76
C SER A 331 -2.17 0.65 -25.36
N ARG A 332 -1.22 1.33 -24.72
CA ARG A 332 -1.30 2.77 -24.38
C ARG A 332 0.04 3.20 -23.77
N ARG A 333 0.32 4.51 -23.74
CA ARG A 333 1.61 5.07 -23.30
C ARG A 333 1.60 5.55 -21.84
N ASP A 334 0.45 5.98 -21.32
CA ASP A 334 0.34 6.69 -20.02
C ASP A 334 -0.39 5.80 -19.01
N GLN A 335 -0.67 6.34 -17.82
CA GLN A 335 -1.32 5.58 -16.71
C GLN A 335 -0.29 4.72 -15.99
N ARG A 336 -0.53 4.41 -14.72
CA ARG A 336 0.38 3.53 -13.95
C ARG A 336 0.04 2.08 -14.22
N GLY A 337 1.06 1.25 -14.43
CA GLY A 337 0.87 -0.19 -14.64
C GLY A 337 2.21 -0.86 -14.40
N SER A 338 2.45 -1.31 -13.18
CA SER A 338 3.75 -1.92 -12.83
C SER A 338 3.53 -2.84 -11.64
N GLY A 339 4.61 -3.37 -11.07
CA GLY A 339 4.49 -4.18 -9.85
C GLY A 339 3.99 -3.32 -8.72
N GLN A 340 3.26 -3.91 -7.78
CA GLN A 340 2.66 -3.13 -6.67
C GLN A 340 3.76 -2.39 -5.90
N VAL A 341 4.90 -3.03 -5.68
CA VAL A 341 5.94 -2.40 -4.81
C VAL A 341 6.64 -1.29 -5.59
N VAL A 342 6.89 -1.47 -6.88
CA VAL A 342 7.50 -0.34 -7.63
C VAL A 342 6.46 0.77 -7.80
N THR A 343 5.20 0.42 -8.05
CA THR A 343 4.06 1.38 -8.10
C THR A 343 4.03 2.23 -6.82
N TYR A 344 4.16 1.63 -5.64
CA TYR A 344 4.17 2.35 -4.36
C TYR A 344 5.27 3.44 -4.44
N GLY A 345 6.48 3.04 -4.84
CA GLY A 345 7.66 3.92 -4.78
C GLY A 345 7.55 5.09 -5.74
N LEU A 346 7.10 4.84 -6.94
CA LEU A 346 6.95 5.88 -7.98
C LEU A 346 5.74 6.77 -7.67
N ASN A 347 4.66 6.21 -7.15
CA ASN A 347 3.53 6.99 -6.59
C ASN A 347 4.03 7.95 -5.51
N THR A 348 4.75 7.47 -4.51
CA THR A 348 5.28 8.34 -3.44
C THR A 348 6.11 9.44 -4.08
N PHE A 349 6.95 9.10 -5.05
CA PHE A 349 7.89 10.05 -5.69
C PHE A 349 7.10 11.19 -6.37
N THR A 350 6.14 10.83 -7.20
CA THR A 350 5.38 11.75 -8.05
C THR A 350 4.46 12.60 -7.17
N ASN A 351 3.88 12.01 -6.12
CA ASN A 351 3.03 12.71 -5.13
C ASN A 351 3.90 13.70 -4.34
N MET A 352 5.11 13.31 -3.93
CA MET A 352 6.00 14.24 -3.20
C MET A 352 6.24 15.48 -4.08
N GLU A 353 6.42 15.25 -5.38
CA GLU A 353 6.70 16.31 -6.40
C GLU A 353 5.46 17.20 -6.54
N ALA A 354 4.29 16.59 -6.76
CA ALA A 354 3.01 17.30 -6.90
C ALA A 354 2.75 18.16 -5.66
N GLN A 355 2.99 17.66 -4.45
CA GLN A 355 2.66 18.39 -3.22
C GLN A 355 3.67 19.51 -2.99
N LEU A 356 4.96 19.37 -3.33
CA LEU A 356 5.94 20.49 -3.19
C LEU A 356 5.52 21.60 -4.16
N ILE A 357 5.04 21.23 -5.35
CA ILE A 357 4.65 22.25 -6.38
C ILE A 357 3.37 22.97 -5.92
N ARG A 358 2.41 22.26 -5.34
CA ARG A 358 1.21 22.90 -4.74
C ARG A 358 1.66 23.82 -3.59
N GLN A 359 2.63 23.41 -2.79
CA GLN A 359 3.20 24.30 -1.73
C GLN A 359 3.83 25.56 -2.38
N MET A 360 4.52 25.43 -3.50
CA MET A 360 5.21 26.59 -4.16
C MET A 360 4.14 27.60 -4.58
N GLU A 361 3.05 27.08 -5.15
CA GLU A 361 1.91 27.85 -5.69
C GLU A 361 1.26 28.61 -4.55
N GLY A 362 1.05 27.98 -3.41
CA GLY A 362 0.48 28.68 -2.24
C GLY A 362 1.42 29.74 -1.68
N GLU A 363 2.74 29.62 -1.85
CA GLU A 363 3.74 30.59 -1.35
C GLU A 363 3.99 31.68 -2.40
N GLY A 364 3.32 31.59 -3.57
CA GLY A 364 3.52 32.54 -4.68
C GLY A 364 4.97 32.53 -5.19
N VAL A 365 5.60 31.35 -5.29
CA VAL A 365 6.94 31.17 -5.92
C VAL A 365 6.84 31.44 -7.42
N PHE A 366 5.68 31.18 -8.00
CA PHE A 366 5.38 31.33 -9.45
C PHE A 366 3.94 31.83 -9.62
N LYS A 367 3.69 32.60 -10.68
CA LYS A 367 2.44 33.38 -10.85
C LYS A 367 1.41 32.54 -11.61
N SER A 368 1.81 31.90 -12.70
CA SER A 368 0.89 31.16 -13.59
C SER A 368 1.59 29.94 -14.18
N ILE A 369 0.80 28.90 -14.44
CA ILE A 369 1.27 27.58 -14.97
C ILE A 369 1.43 27.65 -16.48
N GLN A 370 0.85 28.68 -17.11
CA GLN A 370 0.78 28.82 -18.59
C GLN A 370 2.19 28.75 -19.17
N HIS A 371 3.10 29.54 -18.59
CA HIS A 371 4.51 29.74 -19.00
C HIS A 371 5.31 30.17 -17.78
N LEU A 372 6.53 29.65 -17.63
CA LEU A 372 7.41 30.07 -16.52
C LEU A 372 8.49 31.01 -17.04
N THR A 373 8.65 32.18 -16.43
CA THR A 373 9.70 33.13 -16.82
C THR A 373 11.05 32.51 -16.50
N VAL A 374 12.12 33.06 -17.06
CA VAL A 374 13.49 32.54 -16.76
C VAL A 374 13.84 32.82 -15.30
N THR A 375 13.41 33.98 -14.79
CA THR A 375 13.73 34.35 -13.39
C THR A 375 12.87 33.51 -12.43
N GLU A 376 11.69 33.09 -12.88
CA GLU A 376 10.79 32.25 -12.03
C GLU A 376 11.41 30.86 -11.93
N GLU A 377 12.03 30.38 -13.01
CA GLU A 377 12.75 29.10 -12.93
C GLU A 377 13.86 29.25 -11.89
N ILE A 378 14.61 30.35 -11.94
CA ILE A 378 15.68 30.59 -10.94
C ILE A 378 15.04 30.54 -9.55
N ALA A 379 13.90 31.20 -9.38
CA ALA A 379 13.26 31.29 -8.05
C ALA A 379 12.84 29.90 -7.55
N VAL A 380 12.24 29.10 -8.42
CA VAL A 380 11.77 27.74 -8.01
C VAL A 380 12.98 26.96 -7.49
N LYS A 381 14.11 27.03 -8.19
CA LYS A 381 15.33 26.28 -7.79
C LYS A 381 15.87 26.80 -6.46
N ASN A 382 15.98 28.11 -6.30
CA ASN A 382 16.49 28.71 -5.05
C ASN A 382 15.53 28.33 -3.91
N TRP A 383 14.24 28.27 -4.20
CA TRP A 383 13.22 27.85 -3.22
C TRP A 383 13.56 26.41 -2.77
N LEU A 384 13.76 25.51 -3.75
CA LEU A 384 14.09 24.09 -3.50
C LEU A 384 15.39 23.98 -2.70
N VAL A 385 16.42 24.73 -3.08
CA VAL A 385 17.74 24.69 -2.40
C VAL A 385 17.54 25.26 -1.00
N ARG A 386 16.79 26.35 -0.87
CA ARG A 386 16.73 27.10 0.40
C ARG A 386 15.82 26.33 1.39
N VAL A 387 14.67 25.79 0.96
CA VAL A 387 13.64 25.27 1.91
C VAL A 387 12.99 23.94 1.48
N GLY A 388 13.39 23.37 0.36
CA GLY A 388 12.94 22.05 -0.14
C GLY A 388 12.87 21.04 1.00
N ARG A 389 13.98 20.84 1.71
CA ARG A 389 14.06 19.81 2.77
C ARG A 389 13.07 20.19 3.88
N GLU A 390 12.98 21.47 4.24
CA GLU A 390 12.04 21.88 5.34
C GLU A 390 10.59 21.58 4.88
N ARG A 391 10.27 21.75 3.59
CA ARG A 391 8.87 21.62 3.09
C ARG A 391 8.52 20.12 2.91
N LEU A 392 9.50 19.27 2.60
CA LEU A 392 9.32 17.78 2.56
C LEU A 392 8.94 17.29 3.97
N SER A 393 9.55 17.86 5.02
CA SER A 393 9.33 17.43 6.42
C SER A 393 7.96 17.89 6.91
N ARG A 394 7.24 18.73 6.15
CA ARG A 394 5.87 19.20 6.47
C ARG A 394 4.84 18.21 5.93
N MET A 395 5.31 17.13 5.32
CA MET A 395 4.44 16.12 4.67
C MET A 395 4.67 14.71 5.22
N ALA A 396 3.62 13.89 5.17
CA ALA A 396 3.68 12.43 5.36
C ALA A 396 3.02 11.83 4.11
N ILE A 397 3.76 11.05 3.30
CA ILE A 397 3.30 10.61 1.96
C ILE A 397 3.54 9.11 1.82
N SER A 398 2.48 8.39 1.44
CA SER A 398 2.45 6.94 1.29
C SER A 398 1.74 6.67 -0.02
N GLY A 399 2.51 6.49 -1.08
CA GLY A 399 1.87 6.27 -2.39
C GLY A 399 0.99 7.45 -2.73
N ASP A 400 -0.23 7.18 -3.16
CA ASP A 400 -1.19 8.24 -3.58
C ASP A 400 -1.77 8.99 -2.38
N ASP A 401 -1.40 8.63 -1.16
CA ASP A 401 -2.00 9.21 0.06
C ASP A 401 -1.05 10.22 0.70
N CYS A 402 -1.55 11.34 1.19
CA CYS A 402 -0.73 12.45 1.72
C CYS A 402 -1.45 13.23 2.81
N VAL A 403 -0.63 13.83 3.66
CA VAL A 403 -1.01 14.82 4.70
C VAL A 403 0.02 15.94 4.59
N VAL A 404 -0.44 17.17 4.37
CA VAL A 404 0.45 18.35 4.23
C VAL A 404 0.06 19.36 5.30
N LYS A 405 1.05 19.82 6.04
CA LYS A 405 0.94 21.03 6.88
C LYS A 405 1.76 22.15 6.24
N PRO A 406 1.13 22.92 5.32
CA PRO A 406 1.81 24.00 4.61
C PRO A 406 2.10 25.18 5.54
N LEU A 407 2.88 26.11 5.04
CA LEU A 407 3.28 27.35 5.77
C LEU A 407 2.04 28.14 6.24
N ASP A 408 0.95 28.08 5.50
CA ASP A 408 -0.30 28.83 5.82
C ASP A 408 -1.41 28.34 4.92
N ASP A 409 -2.62 28.89 5.06
CA ASP A 409 -3.84 28.29 4.45
C ASP A 409 -4.07 28.78 3.03
N ARG A 410 -3.14 29.55 2.43
CA ARG A 410 -3.19 29.87 0.97
C ARG A 410 -3.10 28.58 0.16
N PHE A 411 -2.42 27.56 0.69
CA PHE A 411 -2.32 26.22 0.08
C PHE A 411 -3.72 25.73 -0.36
N ALA A 412 -4.75 26.01 0.44
CA ALA A 412 -6.14 25.50 0.32
C ALA A 412 -6.75 25.86 -1.05
N SER A 413 -6.49 27.06 -1.57
CA SER A 413 -6.97 27.54 -2.89
C SER A 413 -5.88 27.50 -3.96
N ALA A 414 -4.68 26.97 -3.71
CA ALA A 414 -3.64 26.80 -4.76
C ALA A 414 -3.93 25.52 -5.55
N LEU A 415 -4.68 25.63 -6.64
CA LEU A 415 -5.30 24.45 -7.32
C LEU A 415 -4.88 24.37 -8.79
N THR A 416 -4.27 25.41 -9.38
CA THR A 416 -4.09 25.44 -10.85
C THR A 416 -3.09 24.35 -11.24
N ALA A 417 -1.92 24.33 -10.61
CA ALA A 417 -0.85 23.33 -10.91
C ALA A 417 -1.38 21.92 -10.61
N LEU A 418 -2.07 21.73 -9.48
CA LEU A 418 -2.54 20.38 -9.08
C LEU A 418 -3.55 19.84 -10.09
N ASN A 419 -4.55 20.65 -10.49
CA ASN A 419 -5.57 20.22 -11.50
C ASN A 419 -4.88 20.05 -12.86
N ASP A 420 -3.99 20.98 -13.25
CA ASP A 420 -3.30 20.92 -14.56
C ASP A 420 -2.30 19.73 -14.61
N MET A 421 -1.80 19.20 -13.46
CA MET A 421 -0.97 17.94 -13.47
C MET A 421 -1.91 16.73 -13.63
N GLY A 422 -3.22 16.94 -13.55
CA GLY A 422 -4.24 15.86 -13.68
C GLY A 422 -4.55 15.18 -12.37
N LYS A 423 -3.98 15.67 -11.25
CA LYS A 423 -4.18 15.11 -9.87
C LYS A 423 -5.42 15.75 -9.21
N VAL A 424 -6.57 15.51 -9.82
CA VAL A 424 -7.87 16.14 -9.49
C VAL A 424 -8.32 15.55 -8.15
N ARG A 425 -8.75 16.40 -7.20
CA ARG A 425 -9.13 15.92 -5.85
C ARG A 425 -10.46 15.16 -5.95
N LYS A 426 -10.63 14.14 -5.09
CA LYS A 426 -11.86 13.32 -4.98
C LYS A 426 -12.92 14.08 -4.17
N ASP A 427 -14.20 13.92 -4.53
CA ASP A 427 -15.35 14.44 -3.73
C ASP A 427 -15.21 15.92 -3.31
N ILE A 428 -15.03 16.82 -4.28
CA ILE A 428 -15.04 18.31 -4.10
C ILE A 428 -14.96 18.92 -5.50
N GLN A 429 -15.61 20.07 -5.69
CA GLN A 429 -15.67 20.81 -6.98
C GLN A 429 -14.25 21.25 -7.37
N GLN A 430 -13.87 21.02 -8.63
CA GLN A 430 -12.50 21.20 -9.17
C GLN A 430 -11.86 22.49 -8.61
N TRP A 431 -12.60 23.59 -8.55
CA TRP A 431 -12.05 24.92 -8.14
C TRP A 431 -12.43 25.37 -6.72
N GLU A 432 -13.06 24.47 -5.94
CA GLU A 432 -13.50 24.74 -4.55
C GLU A 432 -12.31 24.51 -3.61
N PRO A 433 -12.04 25.44 -2.66
CA PRO A 433 -10.89 25.34 -1.78
C PRO A 433 -10.95 24.06 -0.93
N SER A 434 -9.78 23.48 -0.64
CA SER A 434 -9.65 22.27 0.21
C SER A 434 -10.13 22.61 1.62
N ARG A 435 -10.91 21.71 2.23
CA ARG A 435 -11.25 21.73 3.68
C ARG A 435 -10.06 21.15 4.44
N GLY A 436 -9.41 21.93 5.29
CA GLY A 436 -8.31 21.44 6.14
C GLY A 436 -8.83 20.88 7.46
N TRP A 437 -7.94 20.30 8.28
CA TRP A 437 -8.20 19.75 9.62
C TRP A 437 -7.40 20.55 10.62
N ASN A 438 -7.95 20.81 11.79
CA ASN A 438 -7.29 21.68 12.80
C ASN A 438 -6.63 20.88 13.91
N ASP A 439 -6.89 19.59 13.97
CA ASP A 439 -6.42 18.68 15.07
C ASP A 439 -5.79 17.46 14.39
N TRP A 440 -4.52 17.17 14.66
CA TRP A 440 -3.86 15.99 14.03
C TRP A 440 -4.58 14.68 14.36
N THR A 441 -5.38 14.63 15.42
CA THR A 441 -6.09 13.38 15.84
C THR A 441 -7.38 13.13 15.03
N GLN A 442 -7.70 14.01 14.09
CA GLN A 442 -8.87 13.88 13.18
C GLN A 442 -8.43 13.62 11.73
N VAL A 443 -7.16 13.88 11.40
CA VAL A 443 -6.61 13.73 10.02
C VAL A 443 -6.66 12.26 9.63
N PRO A 444 -7.23 11.90 8.47
CA PRO A 444 -7.12 10.53 7.96
C PRO A 444 -5.77 10.32 7.25
N PHE A 445 -5.16 9.16 7.42
CA PHE A 445 -3.90 8.74 6.75
C PHE A 445 -3.83 7.21 6.80
N CYS A 446 -3.54 6.58 5.65
CA CYS A 446 -3.42 5.11 5.40
C CYS A 446 -4.60 4.36 6.02
N SER A 447 -5.81 4.90 5.88
CA SER A 447 -7.07 4.28 6.32
C SER A 447 -7.22 4.36 7.85
N HIS A 448 -6.37 5.10 8.54
CA HIS A 448 -6.43 5.25 10.01
C HIS A 448 -6.64 6.70 10.44
N HIS A 449 -7.06 6.85 11.72
CA HIS A 449 -6.83 8.07 12.52
C HIS A 449 -6.04 7.65 13.75
N PHE A 450 -5.55 8.62 14.51
CA PHE A 450 -4.63 8.39 15.67
C PHE A 450 -5.16 9.11 16.91
N HIS A 451 -5.14 8.40 18.04
CA HIS A 451 -5.55 8.93 19.35
C HIS A 451 -4.32 9.13 20.22
N GLU A 452 -4.32 10.18 21.02
CA GLU A 452 -3.38 10.33 22.16
C GLU A 452 -3.99 9.59 23.34
N LEU A 453 -3.23 8.65 23.89
CA LEU A 453 -3.69 7.76 25.00
C LEU A 453 -2.66 7.85 26.13
N ILE A 454 -3.11 8.29 27.32
CA ILE A 454 -2.23 8.51 28.50
C ILE A 454 -2.26 7.24 29.38
N MET A 455 -1.11 6.62 29.58
CA MET A 455 -0.99 5.42 30.48
C MET A 455 -1.16 5.83 31.94
N LYS A 456 -1.62 4.91 32.78
N LYS A 456 -1.58 4.90 32.79
CA LYS A 456 -1.82 5.13 34.24
CA LYS A 456 -1.83 5.15 34.24
C LYS A 456 -0.58 5.79 34.85
C LYS A 456 -0.57 5.73 34.89
N ASP A 457 0.61 5.56 34.27
CA ASP A 457 1.90 6.16 34.75
C ASP A 457 2.32 7.44 34.00
N GLY A 458 1.42 8.12 33.28
CA GLY A 458 1.63 9.46 32.68
C GLY A 458 2.34 9.45 31.33
N ARG A 459 2.97 8.34 30.93
CA ARG A 459 3.59 8.20 29.59
C ARG A 459 2.51 8.17 28.51
N VAL A 460 2.86 8.69 27.34
CA VAL A 460 1.90 9.00 26.25
C VAL A 460 2.17 8.08 25.06
N LEU A 461 1.17 7.26 24.75
CA LEU A 461 1.09 6.42 23.54
C LEU A 461 0.31 7.19 22.48
N VAL A 462 0.77 7.15 21.24
CA VAL A 462 -0.04 7.58 20.08
C VAL A 462 -0.39 6.32 19.28
N VAL A 463 -1.67 5.98 19.22
CA VAL A 463 -2.13 4.65 18.77
C VAL A 463 -2.95 4.79 17.49
N PRO A 464 -2.86 3.82 16.57
CA PRO A 464 -3.67 3.86 15.37
C PRO A 464 -5.05 3.28 15.67
N CYS A 465 -6.03 3.67 14.82
CA CYS A 465 -7.45 3.30 15.04
C CYS A 465 -8.19 3.43 13.72
N ARG A 466 -9.22 2.63 13.54
CA ARG A 466 -10.23 2.82 12.48
C ARG A 466 -11.53 2.19 12.91
N ASN A 467 -12.60 2.47 12.17
CA ASN A 467 -13.94 1.95 12.56
C ASN A 467 -13.80 0.45 12.79
N GLN A 468 -14.31 -0.03 13.92
CA GLN A 468 -14.03 -1.41 14.35
C GLN A 468 -14.74 -2.37 13.41
N ASP A 469 -15.85 -1.97 12.79
CA ASP A 469 -16.55 -2.84 11.79
C ASP A 469 -15.56 -3.19 10.67
N GLU A 470 -14.71 -2.27 10.25
CA GLU A 470 -13.72 -2.51 9.17
C GLU A 470 -12.69 -3.56 9.66
N LEU A 471 -12.21 -3.44 10.89
CA LEU A 471 -11.18 -4.36 11.41
C LEU A 471 -11.75 -5.78 11.55
N ILE A 472 -12.95 -5.91 12.07
CA ILE A 472 -13.56 -7.25 12.24
C ILE A 472 -13.97 -7.88 10.89
N GLY A 473 -14.54 -7.09 9.98
CA GLY A 473 -14.93 -7.54 8.63
C GLY A 473 -13.72 -8.02 7.82
N ARG A 474 -12.56 -7.36 7.92
CA ARG A 474 -11.31 -7.80 7.21
C ARG A 474 -10.77 -9.10 7.81
N ALA A 475 -10.75 -9.25 9.15
CA ALA A 475 -10.21 -10.46 9.81
C ALA A 475 -11.11 -11.67 9.51
N ARG A 476 -12.35 -11.45 9.10
CA ARG A 476 -13.30 -12.56 8.78
C ARG A 476 -13.12 -13.07 7.35
N ILE A 477 -12.20 -12.50 6.61
CA ILE A 477 -12.02 -12.86 5.17
C ILE A 477 -10.65 -13.49 4.99
N SER A 478 -10.61 -14.57 4.20
N SER A 478 -10.58 -14.59 4.22
CA SER A 478 -9.39 -15.27 3.68
CA SER A 478 -9.32 -15.21 3.71
C SER A 478 -9.34 -15.17 2.15
C SER A 478 -9.32 -15.25 2.17
N GLN A 479 -8.14 -15.03 1.57
CA GLN A 479 -7.96 -15.06 0.08
C GLN A 479 -7.63 -16.50 -0.37
N GLY A 480 -8.16 -16.89 -1.54
CA GLY A 480 -7.73 -18.09 -2.27
C GLY A 480 -8.34 -19.37 -1.72
N ALA A 481 -8.07 -20.47 -2.42
CA ALA A 481 -8.71 -21.79 -2.25
C ALA A 481 -7.75 -22.73 -1.53
N GLY A 482 -8.30 -23.83 -1.03
CA GLY A 482 -7.56 -25.02 -0.56
C GLY A 482 -7.06 -24.87 0.86
N TRP A 483 -7.61 -23.98 1.69
CA TRP A 483 -7.04 -23.78 3.06
C TRP A 483 -7.45 -24.96 3.96
N SER A 484 -6.50 -25.55 4.63
CA SER A 484 -6.79 -26.49 5.74
C SER A 484 -7.39 -25.71 6.93
N LEU A 485 -7.96 -26.41 7.92
CA LEU A 485 -8.40 -25.81 9.21
C LEU A 485 -7.20 -25.19 9.96
N ARG A 486 -6.06 -25.87 9.87
CA ARG A 486 -4.80 -25.42 10.52
C ARG A 486 -4.39 -24.06 9.92
N GLU A 487 -4.31 -23.95 8.60
CA GLU A 487 -3.91 -22.69 7.90
C GLU A 487 -4.91 -21.55 8.26
N THR A 488 -6.21 -21.83 8.20
CA THR A 488 -7.29 -20.90 8.59
C THR A 488 -7.03 -20.40 10.02
N ALA A 489 -6.85 -21.30 10.98
CA ALA A 489 -6.57 -20.95 12.40
C ALA A 489 -5.35 -20.02 12.51
N CYS A 490 -4.27 -20.33 11.79
CA CYS A 490 -2.97 -19.60 11.80
C CYS A 490 -3.18 -18.19 11.20
N LEU A 491 -4.03 -18.03 10.20
CA LEU A 491 -4.37 -16.68 9.71
C LEU A 491 -5.22 -15.91 10.74
N GLY A 492 -6.21 -16.56 11.36
CA GLY A 492 -6.95 -15.94 12.47
C GLY A 492 -6.01 -15.45 13.56
N LYS A 493 -4.99 -16.25 13.86
CA LYS A 493 -3.98 -15.91 14.89
C LYS A 493 -3.15 -14.71 14.45
N SER A 494 -2.82 -14.59 13.17
CA SER A 494 -2.08 -13.40 12.66
C SER A 494 -2.89 -12.15 12.96
N TYR A 495 -4.20 -12.15 12.68
CA TYR A 495 -5.08 -10.96 12.94
C TYR A 495 -5.13 -10.65 14.44
N ALA A 496 -5.31 -11.69 15.25
CA ALA A 496 -5.43 -11.60 16.72
C ALA A 496 -4.15 -10.95 17.27
N GLN A 497 -2.97 -11.37 16.82
CA GLN A 497 -1.70 -10.78 17.36
C GLN A 497 -1.57 -9.33 16.83
N MET A 498 -2.04 -9.03 15.63
CA MET A 498 -1.98 -7.64 15.12
C MET A 498 -2.89 -6.79 16.01
N TRP A 499 -4.06 -7.29 16.36
CA TRP A 499 -4.99 -6.50 17.21
C TRP A 499 -4.35 -6.24 18.58
N SER A 500 -3.73 -7.26 19.19
N SER A 500 -3.71 -7.27 19.17
CA SER A 500 -3.06 -7.14 20.51
CA SER A 500 -3.06 -7.19 20.50
C SER A 500 -1.97 -6.07 20.44
C SER A 500 -1.92 -6.14 20.46
N LEU A 501 -1.23 -6.01 19.33
CA LEU A 501 -0.11 -5.04 19.18
C LEU A 501 -0.59 -3.62 18.80
N MET A 502 -1.57 -3.47 17.92
CA MET A 502 -1.92 -2.17 17.30
C MET A 502 -3.22 -1.61 17.91
N TYR A 503 -4.19 -2.45 18.20
CA TYR A 503 -5.58 -2.07 18.54
C TYR A 503 -5.95 -2.58 19.95
N PHE A 504 -4.96 -2.73 20.85
CA PHE A 504 -5.11 -3.19 22.26
C PHE A 504 -6.05 -2.26 23.04
N HIS A 505 -6.11 -0.99 22.62
CA HIS A 505 -6.90 0.07 23.29
C HIS A 505 -8.40 -0.06 22.97
N ARG A 506 -8.80 -0.98 22.07
CA ARG A 506 -10.23 -1.15 21.71
C ARG A 506 -10.69 -2.35 22.54
N ARG A 507 -11.65 -2.16 23.46
CA ARG A 507 -12.10 -3.18 24.42
C ARG A 507 -12.43 -4.46 23.66
N ASP A 508 -13.17 -4.35 22.57
CA ASP A 508 -13.71 -5.56 21.89
C ASP A 508 -12.55 -6.33 21.21
N LEU A 509 -11.54 -5.64 20.70
CA LEU A 509 -10.46 -6.33 19.94
C LEU A 509 -9.48 -6.96 20.93
N ARG A 510 -9.29 -6.40 22.14
CA ARG A 510 -8.36 -7.05 23.09
C ARG A 510 -9.00 -8.37 23.53
N LEU A 511 -10.30 -8.38 23.73
CA LEU A 511 -11.01 -9.57 24.23
C LEU A 511 -11.02 -10.61 23.11
N ALA A 512 -11.33 -10.22 21.88
CA ALA A 512 -11.47 -11.20 20.78
C ALA A 512 -10.06 -11.76 20.45
N ALA A 513 -9.01 -10.93 20.50
CA ALA A 513 -7.62 -11.35 20.22
C ALA A 513 -7.22 -12.40 21.28
N ASN A 514 -7.60 -12.19 22.55
CA ASN A 514 -7.31 -13.15 23.64
C ASN A 514 -8.07 -14.46 23.40
N ALA A 515 -9.34 -14.36 23.02
CA ALA A 515 -10.16 -15.53 22.69
C ALA A 515 -9.53 -16.32 21.54
N ILE A 516 -9.15 -15.66 20.44
CA ILE A 516 -8.60 -16.36 19.25
C ILE A 516 -7.27 -17.02 19.65
N CYS A 517 -6.38 -16.32 20.36
CA CYS A 517 -5.09 -16.91 20.79
C CYS A 517 -5.31 -18.05 21.80
N SER A 518 -6.44 -18.09 22.51
CA SER A 518 -6.78 -19.19 23.44
C SER A 518 -7.32 -20.37 22.63
N ALA A 519 -7.81 -20.13 21.42
CA ALA A 519 -8.62 -21.13 20.68
C ALA A 519 -7.73 -21.82 19.64
N VAL A 520 -6.59 -21.23 19.33
CA VAL A 520 -5.62 -21.81 18.38
C VAL A 520 -4.45 -22.40 19.16
N PRO A 521 -3.97 -23.61 18.83
CA PRO A 521 -2.83 -24.21 19.53
C PRO A 521 -1.77 -23.14 19.82
N SER A 522 -1.19 -23.17 21.02
N SER A 522 -1.19 -23.17 21.02
CA SER A 522 -0.21 -22.12 21.41
CA SER A 522 -0.21 -22.12 21.41
C SER A 522 1.01 -22.06 20.49
C SER A 522 1.01 -22.06 20.49
N HIS A 523 1.53 -23.23 20.07
CA HIS A 523 2.76 -23.24 19.24
C HIS A 523 2.53 -23.13 17.74
N TRP A 524 1.28 -23.12 17.27
CA TRP A 524 1.02 -22.93 15.82
C TRP A 524 1.47 -21.54 15.37
N VAL A 525 2.20 -21.47 14.26
CA VAL A 525 2.80 -20.17 13.84
C VAL A 525 1.83 -19.35 13.00
N PRO A 526 1.70 -18.03 13.28
CA PRO A 526 0.89 -17.13 12.44
C PRO A 526 1.37 -17.12 10.98
N THR A 527 0.42 -17.12 10.03
CA THR A 527 0.71 -17.25 8.57
C THR A 527 -0.01 -16.18 7.75
N SER A 528 0.34 -16.11 6.46
CA SER A 528 -0.21 -15.19 5.43
C SER A 528 0.15 -13.74 5.78
N ARG A 529 -0.69 -12.79 5.36
CA ARG A 529 -0.53 -11.35 5.65
C ARG A 529 -1.87 -10.79 6.13
N THR A 530 -1.87 -10.15 7.30
CA THR A 530 -3.02 -9.36 7.84
C THR A 530 -3.21 -8.12 6.96
N THR A 531 -2.11 -7.61 6.39
CA THR A 531 -2.08 -6.40 5.52
C THR A 531 -0.86 -6.50 4.58
N TRP A 532 -0.83 -5.68 3.52
CA TRP A 532 0.26 -5.63 2.52
C TRP A 532 0.83 -4.20 2.45
N SER A 533 0.26 -3.28 3.23
CA SER A 533 0.68 -1.85 3.32
C SER A 533 2.20 -1.77 3.49
N ILE A 534 2.87 -1.03 2.60
CA ILE A 534 4.37 -0.95 2.52
C ILE A 534 4.92 -0.17 3.72
N HIS A 535 4.06 0.61 4.40
CA HIS A 535 4.40 1.30 5.67
C HIS A 535 4.53 0.27 6.80
N ALA A 536 3.90 -0.91 6.64
CA ALA A 536 3.75 -1.97 7.66
C ALA A 536 5.09 -2.66 7.95
N THR A 537 5.26 -3.24 9.15
CA THR A 537 6.51 -3.90 9.60
C THR A 537 6.18 -5.28 10.24
N HIS A 538 4.91 -5.60 10.45
CA HIS A 538 4.42 -6.96 10.80
C HIS A 538 5.18 -7.55 12.00
N GLU A 539 5.31 -6.82 13.11
CA GLU A 539 5.96 -7.33 14.36
C GLU A 539 5.08 -8.39 15.02
N TRP A 540 3.84 -8.56 14.55
CA TRP A 540 2.85 -9.52 15.12
C TRP A 540 3.04 -10.91 14.47
N MET A 541 3.86 -10.98 13.41
CA MET A 541 4.16 -12.27 12.71
C MET A 541 5.31 -12.95 13.46
N THR A 542 5.00 -13.64 14.56
CA THR A 542 5.98 -14.23 15.52
C THR A 542 5.26 -15.18 16.47
N THR A 543 6.03 -16.03 17.16
CA THR A 543 5.52 -16.95 18.22
C THR A 543 6.04 -16.43 19.57
N GLU A 544 6.83 -15.36 19.61
CA GLU A 544 7.22 -14.69 20.87
C GLU A 544 5.97 -14.32 21.64
N ASP A 545 6.11 -14.16 22.95
CA ASP A 545 5.01 -13.77 23.87
C ASP A 545 4.59 -12.33 23.50
N MET A 546 3.29 -12.03 23.36
CA MET A 546 2.84 -10.75 22.77
C MET A 546 3.12 -9.60 23.74
N LEU A 547 3.16 -9.84 25.05
CA LEU A 547 3.47 -8.73 25.99
C LEU A 547 4.94 -8.35 25.82
N THR A 548 5.80 -9.30 25.46
CA THR A 548 7.25 -9.02 25.21
C THR A 548 7.38 -8.16 23.96
N VAL A 549 6.67 -8.51 22.90
CA VAL A 549 6.66 -7.70 21.65
C VAL A 549 6.09 -6.31 21.96
N TRP A 550 5.00 -6.24 22.73
CA TRP A 550 4.35 -4.93 23.00
C TRP A 550 5.41 -4.04 23.62
N ASN A 551 6.12 -4.56 24.64
CA ASN A 551 7.16 -3.78 25.37
C ASN A 551 8.26 -3.33 24.40
N ARG A 552 8.69 -4.21 23.50
CA ARG A 552 9.79 -3.84 22.56
C ARG A 552 9.31 -2.69 21.67
N VAL A 553 8.10 -2.83 21.11
CA VAL A 553 7.55 -1.96 20.03
C VAL A 553 7.15 -0.61 20.64
N TRP A 554 6.42 -0.61 21.76
CA TRP A 554 5.81 0.61 22.34
C TRP A 554 6.75 1.30 23.34
N ILE A 555 7.76 0.63 23.89
CA ILE A 555 8.62 1.19 24.98
C ILE A 555 10.07 1.22 24.52
N GLN A 556 10.68 0.05 24.39
CA GLN A 556 12.13 -0.10 24.15
C GLN A 556 12.53 0.57 22.83
N GLU A 557 11.85 0.28 21.72
CA GLU A 557 12.30 0.68 20.36
C GLU A 557 11.62 1.99 19.93
N ASN A 558 10.84 2.62 20.83
CA ASN A 558 9.95 3.76 20.48
C ASN A 558 10.70 5.05 20.77
N PRO A 559 11.24 5.78 19.76
CA PRO A 559 12.01 6.99 20.03
C PRO A 559 11.22 8.13 20.69
N TRP A 560 9.88 8.07 20.74
CA TRP A 560 9.05 9.13 21.39
C TRP A 560 8.80 8.80 22.87
N MET A 561 9.26 7.66 23.40
CA MET A 561 9.15 7.29 24.85
C MET A 561 10.55 7.42 25.51
N GLU A 562 10.75 8.38 26.41
CA GLU A 562 12.05 8.65 27.10
C GLU A 562 12.31 7.62 28.21
N ASP A 563 11.30 7.37 29.05
CA ASP A 563 11.37 6.40 30.18
C ASP A 563 11.07 5.00 29.65
N LYS A 564 12.04 4.08 29.78
CA LYS A 564 12.03 2.75 29.12
C LYS A 564 11.62 1.66 30.12
N THR A 565 10.91 2.04 31.19
CA THR A 565 10.41 1.09 32.23
C THR A 565 9.47 0.09 31.60
N PRO A 566 9.82 -1.21 31.56
CA PRO A 566 8.94 -2.23 31.01
C PRO A 566 7.57 -2.26 31.71
N VAL A 567 6.52 -2.53 30.94
CA VAL A 567 5.16 -2.86 31.47
C VAL A 567 5.17 -4.35 31.84
N GLU A 568 4.56 -4.72 32.97
CA GLU A 568 4.71 -6.06 33.59
C GLU A 568 3.45 -6.90 33.37
N SER A 569 2.34 -6.28 32.94
CA SER A 569 1.03 -6.95 32.74
C SER A 569 0.21 -6.22 31.69
N TRP A 570 -0.70 -6.94 31.02
CA TRP A 570 -1.68 -6.32 30.10
C TRP A 570 -2.60 -5.32 30.86
N GLU A 571 -2.84 -5.48 32.15
CA GLU A 571 -3.69 -4.51 32.90
C GLU A 571 -3.04 -3.11 33.03
N GLU A 572 -1.72 -2.97 33.00
CA GLU A 572 -1.03 -1.63 32.96
C GLU A 572 -1.31 -0.88 31.63
N ILE A 573 -1.80 -1.59 30.61
CA ILE A 573 -1.91 -1.06 29.23
C ILE A 573 -3.35 -0.58 29.06
N PRO A 574 -3.56 0.71 28.82
CA PRO A 574 -4.88 1.32 28.90
C PRO A 574 -5.75 1.14 27.66
N TYR A 575 -7.04 1.45 27.79
CA TYR A 575 -8.03 1.52 26.69
C TYR A 575 -8.34 3.00 26.38
N LEU A 576 -8.86 3.28 25.18
CA LEU A 576 -9.55 4.56 24.87
C LEU A 576 -10.65 4.75 25.92
N GLY A 577 -11.07 6.00 26.16
CA GLY A 577 -12.32 6.28 26.89
C GLY A 577 -13.45 5.36 26.36
N LYS A 578 -14.41 5.06 27.29
CA LYS A 578 -15.61 4.23 27.01
C LYS A 578 -16.39 4.84 25.83
N ARG A 579 -16.56 6.16 25.83
CA ARG A 579 -17.33 6.92 24.81
C ARG A 579 -16.54 6.98 23.48
N GLU A 580 -15.23 7.26 23.57
CA GLU A 580 -14.31 7.22 22.41
C GLU A 580 -14.35 5.83 21.77
N ASP A 581 -14.42 4.77 22.57
CA ASP A 581 -14.45 3.36 22.07
C ASP A 581 -15.73 3.12 21.29
N GLN A 582 -16.86 3.62 21.81
CA GLN A 582 -18.18 3.43 21.15
C GLN A 582 -18.25 4.27 19.86
N TRP A 583 -17.74 5.51 19.89
CA TRP A 583 -17.68 6.36 18.67
C TRP A 583 -16.93 5.65 17.53
N CYS A 584 -15.85 4.92 17.86
CA CYS A 584 -15.05 4.23 16.81
C CYS A 584 -15.58 2.82 16.61
N GLY A 585 -16.80 2.54 17.08
CA GLY A 585 -17.57 1.35 16.64
C GLY A 585 -17.73 0.22 17.65
N SER A 586 -17.27 0.40 18.90
CA SER A 586 -17.36 -0.62 19.97
C SER A 586 -18.82 -1.01 20.22
N LEU A 587 -19.04 -2.30 20.54
CA LEU A 587 -20.36 -2.91 20.87
C LEU A 587 -20.55 -2.97 22.41
N ILE A 588 -19.66 -2.33 23.19
CA ILE A 588 -19.80 -2.28 24.68
C ILE A 588 -21.17 -1.62 25.00
N GLY A 589 -21.85 -2.13 26.02
CA GLY A 589 -23.17 -1.63 26.46
C GLY A 589 -24.32 -2.24 25.68
N LEU A 590 -24.05 -3.07 24.66
CA LEU A 590 -25.10 -3.90 24.00
C LEU A 590 -25.18 -5.25 24.72
N THR A 591 -26.36 -5.87 24.65
CA THR A 591 -26.67 -7.13 25.36
C THR A 591 -25.91 -8.25 24.66
N SER A 592 -25.91 -8.26 23.34
CA SER A 592 -25.24 -9.30 22.51
C SER A 592 -23.75 -9.34 22.90
N ARG A 593 -23.14 -8.18 23.11
CA ARG A 593 -21.71 -8.08 23.44
C ARG A 593 -21.48 -8.61 24.85
N ALA A 594 -22.34 -8.28 25.82
CA ALA A 594 -22.20 -8.72 27.23
C ALA A 594 -22.37 -10.25 27.33
N THR A 595 -23.29 -10.83 26.58
CA THR A 595 -23.45 -12.31 26.55
C THR A 595 -22.17 -12.93 25.98
N TRP A 596 -21.69 -12.35 24.89
CA TRP A 596 -20.48 -12.84 24.20
C TRP A 596 -19.33 -12.84 25.21
N ALA A 597 -19.07 -11.72 25.89
CA ALA A 597 -17.91 -11.57 26.80
C ALA A 597 -18.02 -12.56 27.98
N LYS A 598 -19.22 -12.73 28.52
CA LYS A 598 -19.44 -13.49 29.77
C LYS A 598 -19.29 -14.96 29.45
N ASN A 599 -19.75 -15.40 28.27
CA ASN A 599 -19.71 -16.82 27.81
C ASN A 599 -18.55 -17.07 26.83
N ILE A 600 -17.48 -16.29 26.88
CA ILE A 600 -16.36 -16.41 25.87
C ILE A 600 -15.71 -17.81 25.92
N GLN A 601 -15.61 -18.42 27.10
N GLN A 601 -15.61 -18.43 27.11
CA GLN A 601 -14.94 -19.74 27.29
CA GLN A 601 -14.95 -19.75 27.29
C GLN A 601 -15.71 -20.85 26.53
C GLN A 601 -15.71 -20.84 26.52
N THR A 602 -17.03 -20.71 26.39
CA THR A 602 -17.85 -21.63 25.54
C THR A 602 -17.54 -21.46 24.04
N ALA A 603 -17.25 -20.25 23.58
CA ALA A 603 -16.94 -20.04 22.15
C ALA A 603 -15.54 -20.57 21.92
N ILE A 604 -14.61 -20.22 22.79
CA ILE A 604 -13.22 -20.76 22.74
C ILE A 604 -13.29 -22.28 22.68
N ASN A 605 -14.16 -22.92 23.49
CA ASN A 605 -14.24 -24.40 23.57
C ASN A 605 -14.84 -24.94 22.25
N GLN A 606 -15.80 -24.26 21.63
CA GLN A 606 -16.36 -24.73 20.34
C GLN A 606 -15.23 -24.89 19.30
N VAL A 607 -14.34 -23.89 19.20
CA VAL A 607 -13.27 -23.86 18.17
C VAL A 607 -12.20 -24.91 18.55
N ARG A 608 -11.85 -25.01 19.84
CA ARG A 608 -10.91 -26.07 20.33
C ARG A 608 -11.44 -27.46 19.98
N SER A 609 -12.73 -27.71 20.12
CA SER A 609 -13.34 -29.03 19.77
C SER A 609 -13.23 -29.29 18.26
N LEU A 610 -13.34 -28.28 17.42
CA LEU A 610 -13.28 -28.46 15.94
C LEU A 610 -11.83 -28.78 15.53
N ILE A 611 -10.85 -28.05 16.07
CA ILE A 611 -9.41 -28.21 15.76
C ILE A 611 -8.92 -29.56 16.32
N GLY A 612 -9.38 -29.92 17.52
CA GLY A 612 -9.09 -31.22 18.16
C GLY A 612 -8.15 -31.12 19.35
N ASN A 613 -7.51 -32.25 19.66
CA ASN A 613 -6.81 -32.49 20.94
C ASN A 613 -5.36 -32.02 20.75
N GLU A 614 -5.09 -30.78 21.11
CA GLU A 614 -3.86 -30.02 20.83
C GLU A 614 -3.47 -29.33 22.13
N GLU A 615 -2.29 -28.73 22.16
CA GLU A 615 -1.83 -27.97 23.35
C GLU A 615 -2.28 -26.53 23.14
N TYR A 616 -3.21 -26.08 23.99
CA TYR A 616 -3.81 -24.73 24.07
C TYR A 616 -3.38 -24.04 25.37
N THR A 617 -3.31 -22.70 25.38
CA THR A 617 -3.16 -21.81 26.56
C THR A 617 -4.41 -20.93 26.76
N ASP A 618 -4.84 -20.69 28.01
CA ASP A 618 -5.94 -19.76 28.32
C ASP A 618 -5.33 -18.37 28.54
N TYR A 619 -5.60 -17.40 27.65
CA TYR A 619 -5.10 -16.01 27.73
C TYR A 619 -6.13 -15.08 28.36
N MET A 620 -7.36 -15.54 28.62
CA MET A 620 -8.46 -14.68 29.17
C MET A 620 -8.12 -14.10 30.56
N PRO A 621 -7.47 -14.83 31.51
CA PRO A 621 -7.03 -14.23 32.78
C PRO A 621 -6.04 -13.06 32.76
N SER A 622 -5.46 -12.76 31.59
CA SER A 622 -4.66 -11.53 31.35
C SER A 622 -5.57 -10.29 31.46
N MET A 623 -6.90 -10.47 31.34
CA MET A 623 -7.89 -9.38 31.52
C MET A 623 -8.46 -9.42 32.94
N LYS A 624 -8.67 -8.26 33.57
CA LYS A 624 -9.19 -8.16 34.95
C LYS A 624 -10.48 -8.98 35.10
N ARG A 625 -11.44 -8.84 34.18
CA ARG A 625 -12.83 -9.36 34.37
C ARG A 625 -12.84 -10.90 34.39
N PHE A 626 -11.82 -11.53 33.81
CA PHE A 626 -11.65 -13.00 33.74
C PHE A 626 -10.63 -13.49 34.77
N ARG A 627 -9.88 -12.55 35.35
CA ARG A 627 -8.94 -12.82 36.46
C ARG A 627 -9.81 -13.13 37.70
N ARG A 628 -10.54 -14.26 37.65
CA ARG A 628 -11.56 -14.68 38.65
C ARG A 628 -12.59 -13.56 38.82
#